data_6IDB
#
_entry.id   6IDB
#
_cell.length_a   115.956
_cell.length_b   115.956
_cell.length_c   297.050
_cell.angle_alpha   90.00
_cell.angle_beta   90.00
_cell.angle_gamma   120.00
#
_symmetry.space_group_name_H-M   'H 3 2'
#
loop_
_entity.id
_entity.type
_entity.pdbx_description
1 polymer 'Hemagglutinin HA1 chain'
2 polymer 'Hemagglutinin HA2 chain'
3 branched 'N-acetyl-alpha-neuraminic acid-(2-6)-beta-D-galactopyranose-(1-4)-2-acetamido-2-deoxy-beta-D-glucopyranose'
4 non-polymer 2-acetamido-2-deoxy-beta-D-glucopyranose
5 water water
#
loop_
_entity_poly.entity_id
_entity_poly.type
_entity_poly.pdbx_seq_one_letter_code
_entity_poly.pdbx_strand_id
1 'polypeptide(L)'
;DKICLGHHAVSNGTKVNTLTERGVEVVNATETVERTNIPRICSKGKRTVDLGQCGLLGTITGPPQCDQFLEFSADLIIER
REGSDVCYPGKFVNEEALRQILRESGGIDKEAMGFTYSGIRTNGATSSCRRSGSSFYAEMKWLLSNTDNAAFPQMTKSYK
NTRKSPALIVWGIHHSVSTAEQTKLYGSGNKLVTVGSSNYQQSFVPSPGARTQVNGQSGRIDFHWLMLNPNDTVTFSFNG
AFIAPDRASFLRGKSMGIQSGVQVDANCEGDCYHSGGTIISNLPFQNIDSRAVGKCPRYVKQRSLLLATGMKNVPEIPKG
R
;
A
2 'polypeptide(L)'
;GLFGAIAGFIENGWEGLIDGWYGFRHQNAQGEGTAADYKSTQSAIDQITGKLNRLIEKTNQQFELIDNEFNEVEKQIGNV
INWTRDSITEVWSYNAELLVAMENQHTIDLADSEMDKLYERVKRQLRENAEEDGTGCFEIFHKCDDDCMASIRNNTYDHS
KYREEAMQNRIQIDPVK
;
B
#
# COMPACT_ATOMS: atom_id res chain seq x y z
N ASP A 1 -20.45 -36.32 46.15
CA ASP A 1 -19.27 -36.08 45.32
C ASP A 1 -19.62 -35.11 44.18
N LYS A 2 -18.67 -34.83 43.28
CA LYS A 2 -18.87 -33.78 42.27
C LYS A 2 -17.73 -33.80 41.24
N ILE A 3 -18.04 -33.35 40.02
CA ILE A 3 -17.04 -32.93 39.03
C ILE A 3 -17.65 -31.82 38.17
N CYS A 4 -16.89 -30.73 37.98
CA CYS A 4 -17.39 -29.54 37.32
C CYS A 4 -16.63 -29.24 36.04
N LEU A 5 -17.36 -28.78 35.03
CA LEU A 5 -16.77 -28.25 33.81
C LEU A 5 -16.70 -26.73 33.89
N GLY A 6 -15.68 -26.17 33.23
CA GLY A 6 -15.49 -24.73 33.25
C GLY A 6 -14.53 -24.29 32.17
N HIS A 7 -14.36 -22.97 32.10
CA HIS A 7 -13.50 -22.30 31.13
C HIS A 7 -12.65 -21.28 31.87
N HIS A 8 -11.72 -20.66 31.16
CA HIS A 8 -10.75 -19.79 31.80
C HIS A 8 -11.18 -18.32 31.72
N ALA A 9 -10.52 -17.51 32.55
CA ALA A 9 -10.79 -16.08 32.60
C ALA A 9 -9.50 -15.37 32.99
N VAL A 10 -9.57 -14.04 32.96
CA VAL A 10 -8.46 -13.19 33.40
C VAL A 10 -9.03 -11.96 34.08
N SER A 11 -8.22 -11.35 34.95
CA SER A 11 -8.59 -10.06 35.52
C SER A 11 -8.47 -8.95 34.49
N ASN A 12 -7.75 -9.18 33.38
CA ASN A 12 -7.37 -8.15 32.41
C ASN A 12 -7.76 -8.59 31.01
N GLY A 13 -9.04 -8.38 30.64
CA GLY A 13 -9.51 -8.72 29.31
C GLY A 13 -9.48 -7.52 28.37
N THR A 14 -9.73 -7.79 27.09
CA THR A 14 -9.76 -6.73 26.08
C THR A 14 -11.17 -6.61 25.51
N LYS A 15 -11.68 -5.38 25.48
CA LYS A 15 -12.98 -5.13 24.86
C LYS A 15 -12.88 -5.17 23.33
N VAL A 16 -13.91 -5.75 22.69
CA VAL A 16 -14.05 -5.77 21.26
C VAL A 16 -15.51 -5.48 20.92
N ASN A 17 -15.78 -5.33 19.63
CA ASN A 17 -17.13 -5.15 19.15
C ASN A 17 -17.63 -6.40 18.43
N THR A 18 -18.94 -6.62 18.50
CA THR A 18 -19.55 -7.72 17.75
C THR A 18 -20.73 -7.19 16.94
N LEU A 19 -21.48 -8.08 16.30
CA LEU A 19 -22.66 -7.59 15.62
C LEU A 19 -23.70 -7.07 16.59
N THR A 20 -23.80 -7.66 17.79
CA THR A 20 -24.87 -7.34 18.72
C THR A 20 -24.44 -6.44 19.88
N GLU A 21 -23.17 -6.43 20.27
CA GLU A 21 -22.72 -5.61 21.40
C GLU A 21 -21.44 -4.85 21.06
N ARG A 22 -21.32 -3.69 21.70
CA ARG A 22 -20.14 -2.84 21.62
C ARG A 22 -19.39 -2.95 22.94
N GLY A 23 -18.13 -3.33 22.90
CA GLY A 23 -17.37 -3.42 24.14
C GLY A 23 -17.59 -4.66 24.95
N VAL A 24 -17.72 -5.83 24.29
CA VAL A 24 -17.69 -7.12 24.97
C VAL A 24 -16.25 -7.43 25.39
N GLU A 25 -16.06 -7.92 26.60
CA GLU A 25 -14.72 -8.29 27.06
C GLU A 25 -14.41 -9.73 26.68
N VAL A 26 -13.28 -9.93 26.00
CA VAL A 26 -12.82 -11.25 25.62
C VAL A 26 -11.42 -11.49 26.20
N VAL A 27 -11.03 -12.77 26.26
CA VAL A 27 -9.78 -13.14 26.92
C VAL A 27 -8.59 -12.47 26.23
N ASN A 28 -8.53 -12.55 24.91
CA ASN A 28 -7.41 -12.00 24.17
C ASN A 28 -7.91 -11.42 22.84
N ALA A 29 -7.17 -10.44 22.32
CA ALA A 29 -7.53 -9.84 21.03
C ALA A 29 -6.26 -9.36 20.33
N THR A 30 -6.43 -8.85 19.11
CA THR A 30 -5.30 -8.47 18.30
C THR A 30 -5.74 -7.43 17.26
N GLU A 31 -4.81 -6.56 16.88
CA GLU A 31 -5.15 -5.40 16.06
C GLU A 31 -5.17 -5.72 14.55
N THR A 32 -6.20 -5.23 13.83
CA THR A 32 -6.25 -5.43 12.40
C THR A 32 -5.82 -4.19 11.62
N VAL A 33 -5.57 -3.07 12.27
CA VAL A 33 -5.34 -1.80 11.58
C VAL A 33 -3.95 -1.27 11.92
N GLU A 34 -3.12 -1.15 10.88
CA GLU A 34 -1.73 -0.74 11.07
C GLU A 34 -1.65 0.75 11.32
N ARG A 35 -1.07 1.14 12.45
N ARG A 35 -1.06 1.11 12.45
CA ARG A 35 -0.89 2.56 12.73
CA ARG A 35 -0.89 2.49 12.86
C ARG A 35 0.57 2.92 13.00
C ARG A 35 0.56 2.95 12.77
N THR A 36 1.49 2.01 12.71
CA THR A 36 2.91 2.27 12.93
C THR A 36 3.63 2.52 11.62
N ASN A 37 4.31 3.65 11.54
CA ASN A 37 5.05 3.98 10.34
C ASN A 37 6.53 3.68 10.58
N ILE A 38 7.26 3.44 9.49
CA ILE A 38 8.71 3.53 9.55
C ILE A 38 9.13 4.78 8.78
N PRO A 39 9.73 5.79 9.43
CA PRO A 39 9.97 7.06 8.74
C PRO A 39 11.20 7.02 7.84
N ARG A 40 11.34 5.96 7.04
CA ARG A 40 12.40 5.87 6.04
C ARG A 40 11.85 5.19 4.80
N ILE A 41 12.57 5.30 3.69
CA ILE A 41 12.22 4.57 2.47
C ILE A 41 13.01 3.26 2.48
N CYS A 42 12.33 2.18 2.85
CA CYS A 42 12.96 0.86 2.99
C CYS A 42 13.23 0.28 1.61
N SER A 43 14.50 0.26 1.20
CA SER A 43 14.89 -0.04 -0.16
C SER A 43 15.79 -1.27 -0.26
N LYS A 44 15.91 -2.05 0.83
CA LYS A 44 16.75 -3.25 0.84
C LYS A 44 16.44 -4.14 -0.36
N GLY A 45 17.48 -4.45 -1.15
CA GLY A 45 17.34 -5.32 -2.30
C GLY A 45 16.79 -4.69 -3.58
N LYS A 46 16.52 -3.38 -3.61
CA LYS A 46 15.94 -2.70 -4.76
C LYS A 46 16.91 -1.70 -5.36
N ARG A 47 17.07 -1.77 -6.68
CA ARG A 47 17.79 -0.75 -7.43
C ARG A 47 17.06 0.57 -7.26
N THR A 48 17.66 1.50 -6.52
CA THR A 48 16.99 2.72 -6.15
C THR A 48 17.73 3.93 -6.71
N VAL A 49 16.97 4.83 -7.31
CA VAL A 49 17.43 6.12 -7.82
C VAL A 49 16.71 7.19 -7.01
N ASP A 50 17.47 7.94 -6.22
CA ASP A 50 16.94 9.11 -5.49
C ASP A 50 17.26 10.35 -6.32
N LEU A 51 16.24 10.91 -6.98
CA LEU A 51 16.42 12.03 -7.89
C LEU A 51 16.89 13.32 -7.23
N GLY A 52 16.67 13.49 -5.93
CA GLY A 52 17.12 14.68 -5.24
C GLY A 52 16.75 15.95 -5.97
N GLN A 53 17.75 16.66 -6.47
CA GLN A 53 17.52 17.95 -7.11
C GLN A 53 17.12 17.84 -8.57
N CYS A 54 17.33 16.68 -9.18
CA CYS A 54 16.86 16.45 -10.55
C CYS A 54 15.35 16.14 -10.54
N GLY A 55 14.57 16.94 -11.25
CA GLY A 55 13.18 16.60 -11.47
C GLY A 55 13.06 15.47 -12.48
N LEU A 56 11.99 14.68 -12.33
CA LEU A 56 11.85 13.48 -13.13
C LEU A 56 11.81 13.78 -14.63
N LEU A 57 11.12 14.86 -15.04
CA LEU A 57 11.06 15.16 -16.47
C LEU A 57 12.39 15.73 -16.98
N GLY A 58 13.17 16.37 -16.11
CA GLY A 58 14.53 16.76 -16.48
C GLY A 58 15.44 15.60 -16.91
N THR A 59 15.16 14.37 -16.48
CA THR A 59 15.98 13.27 -16.97
C THR A 59 15.87 13.11 -18.48
N ILE A 60 14.81 13.62 -19.10
CA ILE A 60 14.67 13.53 -20.55
C ILE A 60 15.34 14.71 -21.26
N THR A 61 15.41 15.87 -20.62
CA THR A 61 15.87 17.06 -21.35
C THR A 61 17.28 17.43 -21.00
N GLY A 62 17.63 17.25 -19.72
CA GLY A 62 18.98 17.36 -19.24
C GLY A 62 19.40 18.73 -18.77
N PRO A 63 18.68 19.32 -17.81
CA PRO A 63 19.23 20.50 -17.11
C PRO A 63 20.37 20.06 -16.23
N PRO A 64 21.30 20.94 -15.86
CA PRO A 64 22.53 20.49 -15.17
C PRO A 64 22.34 19.56 -13.98
N GLN A 65 21.35 19.82 -13.13
CA GLN A 65 21.08 19.00 -11.95
C GLN A 65 20.65 17.57 -12.31
N CYS A 66 20.36 17.31 -13.57
CA CYS A 66 20.04 15.96 -14.05
C CYS A 66 21.18 15.31 -14.85
N ASP A 67 22.40 15.88 -14.82
CA ASP A 67 23.47 15.32 -15.63
C ASP A 67 23.83 13.89 -15.22
N GLN A 68 23.76 13.57 -13.94
CA GLN A 68 24.04 12.21 -13.51
C GLN A 68 22.81 11.29 -13.61
N PHE A 69 21.77 11.70 -14.30
CA PHE A 69 20.55 10.90 -14.37
C PHE A 69 20.07 10.64 -15.80
N LEU A 70 20.85 11.04 -16.81
CA LEU A 70 20.31 11.03 -18.17
C LEU A 70 20.02 9.62 -18.67
N GLU A 71 20.55 8.58 -18.03
CA GLU A 71 20.33 7.19 -18.45
C GLU A 71 20.14 6.29 -17.25
N PHE A 72 19.33 6.73 -16.29
CA PHE A 72 19.26 6.00 -15.05
C PHE A 72 18.53 4.67 -15.24
N SER A 73 18.69 3.82 -14.23
CA SER A 73 18.15 2.47 -14.26
C SER A 73 17.71 2.13 -12.85
N ALA A 74 16.45 1.72 -12.69
CA ALA A 74 15.91 1.61 -11.34
C ALA A 74 14.70 0.68 -11.29
N ASP A 75 14.49 0.13 -10.10
CA ASP A 75 13.22 -0.49 -9.74
C ASP A 75 12.35 0.44 -8.91
N LEU A 76 12.98 1.35 -8.19
CA LEU A 76 12.30 2.28 -7.31
C LEU A 76 12.86 3.67 -7.59
N ILE A 77 12.00 4.55 -8.11
CA ILE A 77 12.33 5.94 -8.43
C ILE A 77 11.74 6.82 -7.33
N ILE A 78 12.55 7.71 -6.74
CA ILE A 78 12.11 8.59 -5.66
C ILE A 78 12.20 10.05 -6.10
N GLU A 79 11.06 10.75 -6.07
CA GLU A 79 11.03 12.18 -6.39
C GLU A 79 11.13 13.02 -5.11
N ARG A 80 11.85 14.13 -5.20
CA ARG A 80 12.03 14.97 -4.04
C ARG A 80 11.42 16.34 -4.28
N ARG A 81 10.96 16.95 -3.19
CA ARG A 81 10.39 18.29 -3.25
C ARG A 81 11.36 19.29 -3.88
N GLU A 82 12.67 19.15 -3.61
CA GLU A 82 13.66 20.08 -4.15
C GLU A 82 13.95 19.84 -5.63
N GLY A 83 13.36 18.80 -6.24
CA GLY A 83 13.62 18.56 -7.64
C GLY A 83 13.06 19.65 -8.52
N SER A 84 13.75 19.92 -9.63
CA SER A 84 13.24 20.78 -10.68
C SER A 84 13.49 20.15 -12.03
N ASP A 85 12.47 20.22 -12.91
CA ASP A 85 12.56 19.72 -14.27
C ASP A 85 13.29 20.68 -15.22
N VAL A 86 13.60 21.91 -14.80
CA VAL A 86 14.02 22.91 -15.76
C VAL A 86 15.23 23.66 -15.22
N CYS A 87 15.94 24.31 -16.14
CA CYS A 87 16.93 25.35 -15.79
C CYS A 87 16.49 26.67 -16.40
N TYR A 88 16.43 26.77 -17.73
CA TYR A 88 15.71 27.86 -18.36
C TYR A 88 14.23 27.65 -18.10
N PRO A 89 13.50 28.68 -17.65
CA PRO A 89 12.10 28.48 -17.26
C PRO A 89 11.24 27.95 -18.40
N GLY A 90 10.21 27.22 -18.01
CA GLY A 90 9.39 26.49 -18.95
C GLY A 90 8.61 25.40 -18.20
N LYS A 91 7.78 24.70 -18.95
CA LYS A 91 7.09 23.54 -18.42
C LYS A 91 6.71 22.62 -19.57
N PHE A 92 6.27 21.41 -19.21
CA PHE A 92 5.81 20.42 -20.17
C PHE A 92 4.29 20.41 -20.28
N VAL A 93 3.81 20.19 -21.48
CA VAL A 93 2.42 19.87 -21.72
C VAL A 93 2.18 18.39 -21.41
N ASN A 94 1.06 18.11 -20.72
CA ASN A 94 0.71 16.79 -20.22
C ASN A 94 1.85 16.24 -19.39
N GLU A 95 2.28 17.08 -18.45
CA GLU A 95 3.46 16.77 -17.67
C GLU A 95 3.24 15.55 -16.80
N GLU A 96 2.03 15.43 -16.23
CA GLU A 96 1.83 14.38 -15.23
C GLU A 96 1.62 13.04 -15.89
N ALA A 97 1.05 13.03 -17.09
CA ALA A 97 1.02 11.81 -17.86
C ALA A 97 2.44 11.29 -18.10
N LEU A 98 3.34 12.20 -18.48
CA LEU A 98 4.74 11.85 -18.66
C LEU A 98 5.40 11.41 -17.35
N ARG A 99 5.07 12.05 -16.22
CA ARG A 99 5.65 11.61 -14.96
C ARG A 99 5.24 10.18 -14.68
N GLN A 100 4.00 9.83 -15.02
CA GLN A 100 3.56 8.46 -14.72
C GLN A 100 4.21 7.46 -15.66
N ILE A 101 4.44 7.83 -16.92
CA ILE A 101 5.21 6.97 -17.81
C ILE A 101 6.61 6.73 -17.22
N LEU A 102 7.30 7.80 -16.83
CA LEU A 102 8.68 7.64 -16.38
C LEU A 102 8.77 6.97 -15.00
N ARG A 103 7.75 7.06 -14.15
CA ARG A 103 7.83 6.41 -12.84
C ARG A 103 7.89 4.89 -12.97
N GLU A 104 7.18 4.34 -13.95
CA GLU A 104 7.14 2.89 -14.13
C GLU A 104 8.03 2.41 -15.26
N SER A 105 8.95 3.24 -15.76
CA SER A 105 9.76 2.92 -16.93
C SER A 105 10.91 1.94 -16.66
N GLY A 106 11.27 1.71 -15.39
CA GLY A 106 12.52 1.06 -15.04
C GLY A 106 13.76 1.85 -15.39
N GLY A 107 13.61 3.12 -15.77
CA GLY A 107 14.70 3.93 -16.25
C GLY A 107 14.63 4.13 -17.76
N ILE A 108 15.56 4.97 -18.24
CA ILE A 108 15.61 5.35 -19.64
C ILE A 108 17.00 5.06 -20.20
N ASP A 109 17.03 4.84 -21.51
CA ASP A 109 18.25 4.63 -22.25
C ASP A 109 18.21 5.55 -23.47
N LYS A 110 19.24 6.38 -23.64
CA LYS A 110 19.20 7.39 -24.69
C LYS A 110 19.85 6.91 -25.98
N GLU A 111 19.41 7.50 -27.10
CA GLU A 111 19.93 7.19 -28.41
C GLU A 111 19.93 8.44 -29.27
N ALA A 112 21.10 8.76 -29.84
CA ALA A 112 21.21 9.80 -30.85
C ALA A 112 20.12 9.64 -31.91
N MET A 113 19.46 10.75 -32.23
CA MET A 113 18.47 10.80 -33.29
C MET A 113 19.05 11.24 -34.63
N GLY A 114 20.30 11.69 -34.64
CA GLY A 114 21.00 11.94 -35.89
C GLY A 114 20.40 13.05 -36.72
N PHE A 115 19.94 14.11 -36.08
CA PHE A 115 19.62 15.33 -36.82
C PHE A 115 20.91 16.07 -37.13
N THR A 116 21.06 16.50 -38.38
CA THR A 116 22.18 17.30 -38.80
C THR A 116 21.63 18.57 -39.45
N TYR A 117 22.36 19.68 -39.30
CA TYR A 117 21.81 20.99 -39.63
C TYR A 117 22.65 21.71 -40.69
N SER A 118 22.04 22.74 -41.28
CA SER A 118 22.63 23.45 -42.41
C SER A 118 22.93 24.92 -42.12
N GLY A 119 22.16 25.82 -42.71
CA GLY A 119 22.42 27.24 -42.58
C GLY A 119 21.84 27.87 -41.33
N ILE A 120 22.15 27.30 -40.16
CA ILE A 120 21.71 27.79 -38.87
C ILE A 120 22.83 27.57 -37.86
N ARG A 121 22.74 28.24 -36.73
CA ARG A 121 23.54 27.88 -35.56
C ARG A 121 22.81 26.79 -34.75
N THR A 122 23.56 26.14 -33.85
CA THR A 122 22.97 25.10 -33.01
C THR A 122 23.35 25.21 -31.54
N ASN A 123 24.13 26.22 -31.15
CA ASN A 123 24.73 26.33 -29.82
C ASN A 123 24.09 27.43 -28.96
N GLY A 124 22.77 27.56 -28.98
CA GLY A 124 22.15 28.50 -28.07
C GLY A 124 22.39 28.12 -26.62
N ALA A 125 22.78 29.08 -25.79
CA ALA A 125 23.04 28.86 -24.36
C ALA A 125 22.36 29.94 -23.51
N THR A 126 22.49 29.79 -22.20
CA THR A 126 21.93 30.74 -21.24
C THR A 126 22.66 30.57 -19.91
N SER A 127 22.54 31.60 -19.08
CA SER A 127 23.10 31.56 -17.74
C SER A 127 22.18 30.85 -16.74
N SER A 128 20.96 30.47 -17.16
CA SER A 128 20.09 29.70 -16.30
C SER A 128 20.47 28.23 -16.26
N CYS A 129 21.28 27.78 -17.22
CA CYS A 129 21.78 26.41 -17.30
C CYS A 129 23.28 26.56 -17.27
N ARG A 130 23.85 26.64 -16.09
CA ARG A 130 25.29 26.76 -16.00
C ARG A 130 25.93 25.39 -15.79
N ARG A 131 26.85 25.06 -16.69
CA ARG A 131 27.84 24.00 -16.56
C ARG A 131 29.17 24.71 -16.78
N SER A 132 29.82 25.12 -15.69
CA SER A 132 30.91 26.09 -15.71
C SER A 132 30.15 27.27 -16.29
N GLY A 133 30.48 27.65 -17.52
CA GLY A 133 29.85 28.80 -18.15
C GLY A 133 28.37 28.61 -18.42
N SER A 134 27.86 29.44 -19.33
CA SER A 134 26.47 29.33 -19.73
C SER A 134 26.32 28.12 -20.64
N SER A 135 25.23 27.40 -20.46
CA SER A 135 25.07 26.20 -21.27
C SER A 135 23.59 25.98 -21.61
N PHE A 136 23.17 24.74 -21.75
CA PHE A 136 21.79 24.53 -22.14
C PHE A 136 21.26 23.20 -21.59
N TYR A 137 20.29 22.58 -22.27
CA TYR A 137 19.77 21.27 -21.89
C TYR A 137 20.59 20.21 -22.63
N ALA A 138 21.20 19.30 -21.88
CA ALA A 138 22.20 18.39 -22.43
C ALA A 138 21.67 17.59 -23.61
N GLU A 139 20.41 17.20 -23.57
CA GLU A 139 19.77 16.38 -24.60
C GLU A 139 19.17 17.20 -25.74
N MET A 140 19.30 18.51 -25.73
CA MET A 140 18.58 19.35 -26.67
C MET A 140 19.55 20.30 -27.35
N LYS A 141 19.03 21.00 -28.35
CA LYS A 141 19.80 21.99 -29.10
C LYS A 141 18.98 23.25 -29.27
N TRP A 142 19.54 24.38 -28.86
CA TRP A 142 18.89 25.68 -29.10
C TRP A 142 19.32 26.19 -30.48
N LEU A 143 18.41 26.02 -31.47
CA LEU A 143 18.66 26.39 -32.86
C LEU A 143 18.33 27.84 -33.10
N LEU A 144 19.27 28.57 -33.72
CA LEU A 144 19.09 29.98 -34.05
C LEU A 144 19.23 30.20 -35.55
N SER A 145 18.85 31.40 -35.99
CA SER A 145 19.33 31.93 -37.26
C SER A 145 20.83 32.22 -37.17
N ASN A 146 21.51 32.10 -38.33
CA ASN A 146 22.97 31.98 -38.31
C ASN A 146 23.65 33.21 -37.74
N THR A 147 22.94 34.30 -37.60
CA THR A 147 23.51 35.56 -37.18
C THR A 147 22.34 36.49 -36.88
N ASP A 148 22.56 37.47 -36.00
CA ASP A 148 21.47 38.32 -35.50
C ASP A 148 20.58 38.83 -36.63
N ASN A 149 19.29 38.51 -36.56
CA ASN A 149 18.19 38.99 -37.39
C ASN A 149 17.97 38.18 -38.69
N ALA A 150 18.84 37.22 -39.03
CA ALA A 150 18.75 36.54 -40.32
C ALA A 150 17.56 35.58 -40.40
N ALA A 151 17.20 35.21 -41.63
CA ALA A 151 16.11 34.28 -41.86
C ALA A 151 16.42 32.90 -41.27
N PHE A 152 15.38 32.23 -40.81
CA PHE A 152 15.49 30.83 -40.44
C PHE A 152 14.92 30.02 -41.60
N PRO A 153 15.73 29.25 -42.34
CA PRO A 153 15.22 28.56 -43.53
C PRO A 153 14.34 27.39 -43.11
N GLN A 154 13.08 27.39 -43.57
CA GLN A 154 12.11 26.40 -43.13
C GLN A 154 12.62 24.99 -43.42
N MET A 155 13.10 24.32 -42.37
CA MET A 155 13.73 23.01 -42.46
C MET A 155 12.74 21.91 -42.15
N THR A 156 13.12 20.69 -42.52
CA THR A 156 12.47 19.48 -42.04
C THR A 156 13.52 18.49 -41.56
N LYS A 157 13.22 17.81 -40.45
CA LYS A 157 14.05 16.71 -39.97
C LYS A 157 13.15 15.52 -39.66
N SER A 158 13.69 14.31 -39.89
CA SER A 158 12.96 13.09 -39.59
C SER A 158 13.80 12.16 -38.73
N TYR A 159 13.12 11.39 -37.90
CA TYR A 159 13.76 10.33 -37.14
C TYR A 159 12.88 9.10 -37.21
N LYS A 160 13.46 7.98 -37.58
CA LYS A 160 12.73 6.72 -37.60
C LYS A 160 13.12 5.91 -36.38
N ASN A 161 12.12 5.47 -35.64
CA ASN A 161 12.38 4.57 -34.52
C ASN A 161 12.63 3.18 -35.08
N THR A 162 13.90 2.80 -35.19
CA THR A 162 14.29 1.48 -35.66
C THR A 162 14.46 0.48 -34.52
N ARG A 163 13.75 0.67 -33.41
CA ARG A 163 13.82 -0.21 -32.26
C ARG A 163 12.45 -0.85 -32.01
N LYS A 164 12.42 -1.87 -31.15
CA LYS A 164 11.22 -2.69 -30.99
C LYS A 164 10.30 -2.21 -29.87
N SER A 165 10.61 -1.09 -29.23
CA SER A 165 9.70 -0.48 -28.28
C SER A 165 9.57 0.98 -28.64
N PRO A 166 8.56 1.68 -28.11
CA PRO A 166 8.34 3.08 -28.53
C PRO A 166 9.40 4.05 -28.00
N ALA A 167 9.65 5.05 -28.81
CA ALA A 167 10.60 6.12 -28.53
C ALA A 167 9.90 7.32 -27.91
N LEU A 168 10.35 7.73 -26.73
CA LEU A 168 9.98 9.02 -26.18
C LEU A 168 10.72 10.14 -26.90
N ILE A 169 9.96 11.02 -27.53
CA ILE A 169 10.48 12.18 -28.25
C ILE A 169 10.04 13.44 -27.52
N VAL A 170 10.97 14.39 -27.34
CA VAL A 170 10.66 15.66 -26.69
C VAL A 170 11.27 16.80 -27.50
N TRP A 171 10.51 17.88 -27.68
CA TRP A 171 11.03 19.10 -28.29
C TRP A 171 10.55 20.30 -27.48
N GLY A 172 11.01 21.48 -27.86
CA GLY A 172 10.59 22.68 -27.18
C GLY A 172 10.26 23.79 -28.16
N ILE A 173 9.48 24.74 -27.66
CA ILE A 173 9.20 26.00 -28.34
C ILE A 173 9.76 27.11 -27.46
N HIS A 174 10.56 27.99 -28.05
CA HIS A 174 11.07 29.14 -27.31
C HIS A 174 10.14 30.34 -27.49
N HIS A 175 9.53 30.78 -26.39
CA HIS A 175 8.76 32.02 -26.32
C HIS A 175 9.67 33.12 -25.82
N SER A 176 10.16 33.92 -26.78
CA SER A 176 10.98 35.09 -26.50
C SER A 176 10.19 36.13 -25.71
N VAL A 177 10.92 37.08 -25.12
CA VAL A 177 10.31 38.15 -24.32
C VAL A 177 9.49 39.12 -25.15
N SER A 178 9.63 39.08 -26.47
CA SER A 178 9.10 40.10 -27.37
C SER A 178 9.25 39.60 -28.78
N THR A 179 8.50 40.20 -29.70
CA THR A 179 8.70 39.89 -31.11
C THR A 179 9.97 40.55 -31.66
N ALA A 180 10.46 41.62 -31.01
CA ALA A 180 11.80 42.12 -31.31
C ALA A 180 12.83 41.04 -31.07
N GLU A 181 12.81 40.43 -29.88
CA GLU A 181 13.81 39.44 -29.54
C GLU A 181 13.62 38.16 -30.36
N GLN A 182 12.37 37.77 -30.60
CA GLN A 182 12.10 36.63 -31.46
C GLN A 182 12.70 36.88 -32.83
N THR A 183 12.61 38.11 -33.32
CA THR A 183 13.22 38.47 -34.60
C THR A 183 14.75 38.38 -34.55
N LYS A 184 15.39 38.88 -33.47
CA LYS A 184 16.84 38.76 -33.34
C LYS A 184 17.30 37.30 -33.27
N LEU A 185 16.46 36.41 -32.75
CA LEU A 185 16.88 35.03 -32.65
C LEU A 185 16.61 34.25 -33.93
N TYR A 186 15.44 34.44 -34.56
CA TYR A 186 15.00 33.58 -35.66
C TYR A 186 14.53 34.33 -36.90
N GLY A 187 14.67 35.65 -36.95
CA GLY A 187 14.11 36.43 -38.04
C GLY A 187 12.63 36.73 -37.83
N SER A 188 12.07 37.45 -38.80
CA SER A 188 10.69 37.90 -38.68
C SER A 188 9.71 36.86 -39.23
N GLY A 189 8.43 37.14 -39.08
CA GLY A 189 7.36 36.31 -39.57
C GLY A 189 6.78 35.40 -38.50
N ASN A 190 5.52 34.99 -38.70
CA ASN A 190 4.89 34.01 -37.81
C ASN A 190 5.56 32.66 -38.06
N LYS A 191 6.26 32.15 -37.05
CA LYS A 191 7.03 30.93 -37.17
C LYS A 191 6.18 29.73 -36.72
N LEU A 192 6.26 28.63 -37.46
CA LEU A 192 5.35 27.49 -37.28
C LEU A 192 6.12 26.17 -37.19
N VAL A 193 5.90 25.43 -36.11
CA VAL A 193 6.46 24.11 -35.92
C VAL A 193 5.34 23.10 -36.13
N THR A 194 5.56 22.18 -37.07
CA THR A 194 4.67 21.09 -37.39
C THR A 194 5.36 19.78 -37.02
N VAL A 195 4.61 18.88 -36.40
CA VAL A 195 5.11 17.61 -35.92
C VAL A 195 4.08 16.55 -36.27
N GLY A 196 4.52 15.50 -36.97
CA GLY A 196 3.61 14.44 -37.34
C GLY A 196 4.27 13.08 -37.29
N SER A 197 3.42 12.07 -37.14
CA SER A 197 3.81 10.67 -37.21
C SER A 197 2.66 9.89 -37.86
N SER A 198 2.64 8.57 -37.64
CA SER A 198 1.55 7.74 -38.14
C SER A 198 0.30 7.80 -37.25
N ASN A 199 0.41 8.32 -36.03
CA ASN A 199 -0.78 8.50 -35.20
C ASN A 199 -0.79 9.84 -34.49
N TYR A 200 -0.04 10.83 -34.98
CA TYR A 200 0.10 12.08 -34.25
C TYR A 200 0.04 13.23 -35.22
N GLN A 201 -0.46 14.35 -34.72
CA GLN A 201 -0.87 15.49 -35.52
C GLN A 201 -0.94 16.69 -34.59
N GLN A 202 -0.02 17.64 -34.71
CA GLN A 202 -0.12 18.85 -33.89
C GLN A 202 0.78 19.93 -34.47
N SER A 203 0.56 21.16 -34.00
CA SER A 203 1.29 22.31 -34.52
C SER A 203 1.39 23.37 -33.43
N PHE A 204 2.38 24.25 -33.59
CA PHE A 204 2.79 25.15 -32.53
C PHE A 204 3.36 26.42 -33.14
N VAL A 205 3.03 27.56 -32.54
CA VAL A 205 3.59 28.86 -32.92
C VAL A 205 4.13 29.50 -31.65
N PRO A 206 5.15 30.35 -31.73
CA PRO A 206 5.67 30.97 -30.52
C PRO A 206 4.78 32.12 -30.09
N SER A 207 4.90 32.46 -28.82
CA SER A 207 4.07 33.49 -28.19
C SER A 207 4.98 34.46 -27.46
N PRO A 208 5.67 35.32 -28.19
CA PRO A 208 6.55 36.30 -27.55
C PRO A 208 5.72 37.27 -26.70
N GLY A 209 6.38 37.83 -25.69
CA GLY A 209 5.68 38.54 -24.65
C GLY A 209 6.43 38.49 -23.34
N ALA A 210 6.13 39.44 -22.47
CA ALA A 210 6.83 39.61 -21.20
C ALA A 210 6.13 38.82 -20.11
N ARG A 211 6.92 38.08 -19.32
CA ARG A 211 6.40 37.18 -18.30
C ARG A 211 7.10 37.44 -16.99
N THR A 212 6.59 36.79 -15.94
CA THR A 212 7.27 36.82 -14.66
C THR A 212 8.68 36.30 -14.82
N GLN A 213 9.66 37.08 -14.34
CA GLN A 213 11.04 36.60 -14.30
C GLN A 213 11.15 35.39 -13.37
N VAL A 214 11.68 34.31 -13.93
CA VAL A 214 11.88 33.03 -13.25
C VAL A 214 13.27 32.54 -13.62
N ASN A 215 14.12 32.33 -12.61
CA ASN A 215 15.55 32.02 -12.80
C ASN A 215 16.29 33.17 -13.48
N GLY A 216 15.79 34.40 -13.30
CA GLY A 216 16.31 35.55 -14.02
C GLY A 216 15.95 35.59 -15.49
N GLN A 217 14.82 35.00 -15.89
CA GLN A 217 14.41 34.95 -17.27
C GLN A 217 12.94 35.30 -17.43
N SER A 218 12.62 36.12 -18.42
CA SER A 218 11.23 36.39 -18.74
C SER A 218 10.74 35.61 -19.95
N GLY A 219 11.64 34.94 -20.66
CA GLY A 219 11.21 34.04 -21.69
C GLY A 219 10.86 32.67 -21.13
N ARG A 220 10.21 31.85 -21.95
CA ARG A 220 9.82 30.52 -21.50
C ARG A 220 10.04 29.51 -22.61
N ILE A 221 10.28 28.26 -22.23
CA ILE A 221 10.32 27.17 -23.19
C ILE A 221 9.16 26.20 -22.91
N ASP A 222 8.24 26.07 -23.86
CA ASP A 222 7.30 24.96 -23.86
C ASP A 222 8.04 23.67 -24.22
N PHE A 223 7.81 22.61 -23.46
CA PHE A 223 8.28 21.27 -23.81
C PHE A 223 7.08 20.39 -24.17
N HIS A 224 7.20 19.66 -25.27
CA HIS A 224 6.19 18.72 -25.72
C HIS A 224 6.84 17.38 -26.03
N TRP A 225 6.00 16.34 -26.06
CA TRP A 225 6.49 14.99 -26.18
C TRP A 225 5.46 14.11 -26.88
N LEU A 226 5.96 13.03 -27.48
CA LEU A 226 5.12 12.00 -28.08
C LEU A 226 5.87 10.67 -28.04
N MET A 227 5.14 9.58 -28.23
CA MET A 227 5.68 8.22 -28.27
C MET A 227 5.65 7.69 -29.71
N LEU A 228 6.83 7.61 -30.35
CA LEU A 228 7.02 6.95 -31.65
C LEU A 228 6.90 5.43 -31.53
N ASN A 229 5.92 4.85 -32.20
CA ASN A 229 5.81 3.40 -32.24
C ASN A 229 6.97 2.80 -33.04
N PRO A 230 7.35 1.55 -32.75
CA PRO A 230 8.41 0.89 -33.53
C PRO A 230 8.13 0.95 -35.01
N ASN A 231 9.18 1.21 -35.79
CA ASN A 231 9.17 1.29 -37.25
C ASN A 231 8.39 2.50 -37.78
N ASP A 232 7.89 3.38 -36.91
CA ASP A 232 7.28 4.63 -37.32
C ASP A 232 8.32 5.76 -37.39
N THR A 233 7.99 6.83 -38.14
CA THR A 233 8.85 8.01 -38.29
C THR A 233 8.15 9.24 -37.71
N VAL A 234 8.94 10.13 -37.08
CA VAL A 234 8.49 11.44 -36.62
C VAL A 234 9.12 12.50 -37.51
N THR A 235 8.32 13.52 -37.84
CA THR A 235 8.71 14.56 -38.77
C THR A 235 8.47 15.94 -38.18
N PHE A 236 9.52 16.77 -38.26
CA PHE A 236 9.59 18.11 -37.69
C PHE A 236 9.80 19.10 -38.83
N SER A 237 8.73 19.77 -39.25
CA SER A 237 8.81 20.90 -40.17
C SER A 237 8.79 22.19 -39.34
N PHE A 238 9.81 23.03 -39.49
CA PHE A 238 9.96 24.13 -38.54
C PHE A 238 10.75 25.26 -39.16
N ASN A 239 10.53 26.48 -38.63
CA ASN A 239 11.19 27.68 -39.15
C ASN A 239 11.63 28.63 -38.04
N GLY A 240 11.72 28.16 -36.81
CA GLY A 240 12.28 28.99 -35.75
C GLY A 240 11.62 28.67 -34.42
N ALA A 241 12.14 29.33 -33.39
CA ALA A 241 11.66 29.17 -32.01
C ALA A 241 11.54 27.70 -31.63
N PHE A 242 12.51 26.90 -32.10
CA PHE A 242 12.45 25.45 -31.97
C PHE A 242 13.62 24.96 -31.12
N ILE A 243 13.30 24.23 -30.05
CA ILE A 243 14.29 23.59 -29.21
C ILE A 243 14.32 22.12 -29.59
N ALA A 244 15.42 21.70 -30.35
CA ALA A 244 15.25 20.41 -31.01
C ALA A 244 15.83 19.28 -30.17
N PRO A 245 15.24 18.10 -30.30
CA PRO A 245 15.78 16.94 -29.59
C PRO A 245 17.05 16.48 -30.25
N ASP A 246 18.05 16.17 -29.43
CA ASP A 246 19.25 15.54 -29.93
C ASP A 246 19.21 14.03 -29.76
N ARG A 247 18.65 13.55 -28.65
CA ARG A 247 18.53 12.13 -28.39
C ARG A 247 17.10 11.81 -28.01
N ALA A 248 16.70 10.59 -28.31
CA ALA A 248 15.42 10.05 -27.92
C ALA A 248 15.65 9.09 -26.76
N SER A 249 14.58 8.83 -26.02
CA SER A 249 14.62 7.96 -24.86
C SER A 249 13.87 6.67 -25.15
N PHE A 250 14.38 5.57 -24.62
CA PHE A 250 13.67 4.30 -24.65
C PHE A 250 13.54 3.84 -23.21
N LEU A 251 12.44 3.14 -22.90
CA LEU A 251 12.20 2.69 -21.55
C LEU A 251 12.87 1.34 -21.30
N ARG A 252 13.44 1.19 -20.11
CA ARG A 252 14.29 0.03 -19.85
C ARG A 252 13.49 -1.22 -19.48
N GLY A 253 12.37 -1.03 -18.76
CA GLY A 253 11.64 -2.16 -18.22
C GLY A 253 10.44 -1.70 -17.43
N LYS A 254 10.45 -1.96 -16.12
CA LYS A 254 9.36 -1.53 -15.25
C LYS A 254 9.91 -1.14 -13.88
N SER A 255 9.20 -0.23 -13.21
CA SER A 255 9.59 0.23 -11.88
C SER A 255 8.37 0.80 -11.18
N MET A 256 8.61 1.32 -9.99
CA MET A 256 7.62 2.10 -9.26
C MET A 256 8.24 3.41 -8.85
N GLY A 257 7.46 4.49 -8.91
CA GLY A 257 7.90 5.80 -8.44
C GLY A 257 7.08 6.26 -7.25
N ILE A 258 7.77 6.86 -6.26
CA ILE A 258 7.14 7.46 -5.06
C ILE A 258 7.61 8.90 -4.90
N GLN A 259 6.93 9.65 -4.06
CA GLN A 259 7.35 10.98 -3.63
C GLN A 259 7.53 10.95 -2.12
N SER A 260 8.64 11.50 -1.63
CA SER A 260 8.98 11.31 -0.23
C SER A 260 9.91 12.42 0.21
N GLY A 261 9.89 12.68 1.52
CA GLY A 261 10.89 13.52 2.14
C GLY A 261 11.64 12.81 3.23
N VAL A 262 11.72 11.47 3.22
CA VAL A 262 12.50 10.78 4.24
C VAL A 262 13.61 9.98 3.58
N GLN A 263 14.57 9.57 4.40
CA GLN A 263 15.82 9.07 3.88
C GLN A 263 15.67 7.64 3.37
N VAL A 264 16.51 7.27 2.41
CA VAL A 264 16.64 5.89 1.97
C VAL A 264 17.20 5.05 3.10
N ASP A 265 16.71 3.82 3.23
CA ASP A 265 17.26 2.89 4.22
C ASP A 265 17.37 1.50 3.61
N ALA A 266 18.60 1.03 3.46
CA ALA A 266 18.83 -0.27 2.87
C ALA A 266 18.85 -1.38 3.88
N ASN A 267 18.62 -1.09 5.16
CA ASN A 267 18.51 -2.10 6.21
C ASN A 267 17.10 -2.64 6.37
N CYS A 268 16.08 -1.97 5.84
CA CYS A 268 14.73 -2.53 5.89
C CYS A 268 14.16 -2.74 4.50
N GLU A 269 13.21 -3.66 4.44
CA GLU A 269 12.52 -4.08 3.22
C GLU A 269 11.04 -3.72 3.32
N GLY A 270 10.48 -3.19 2.25
CA GLY A 270 9.08 -2.79 2.29
C GLY A 270 8.52 -2.62 0.90
N ASP A 271 7.24 -2.95 0.76
CA ASP A 271 6.57 -2.82 -0.52
C ASP A 271 5.47 -1.77 -0.52
N CYS A 272 5.24 -1.13 0.62
CA CYS A 272 4.18 -0.15 0.75
C CYS A 272 4.81 1.16 1.20
N TYR A 273 4.70 2.17 0.34
CA TYR A 273 5.36 3.45 0.56
C TYR A 273 4.39 4.62 0.59
N HIS A 274 4.79 5.68 1.30
CA HIS A 274 4.12 6.98 1.21
C HIS A 274 5.17 8.07 1.45
N SER A 275 4.75 9.34 1.34
CA SER A 275 5.72 10.44 1.45
C SER A 275 6.52 10.39 2.76
N GLY A 276 5.90 9.98 3.87
CA GLY A 276 6.57 9.84 5.15
C GLY A 276 7.21 8.50 5.48
N GLY A 277 7.17 7.51 4.60
CA GLY A 277 8.00 6.37 4.91
C GLY A 277 7.40 5.06 4.39
N THR A 278 7.63 4.00 5.15
CA THR A 278 7.35 2.66 4.70
C THR A 278 6.39 2.01 5.68
N ILE A 279 5.31 1.43 5.15
CA ILE A 279 4.34 0.70 5.97
C ILE A 279 4.72 -0.76 5.85
N ILE A 280 5.53 -1.23 6.78
CA ILE A 280 5.79 -2.66 6.90
C ILE A 280 4.73 -3.24 7.82
N SER A 281 3.95 -4.18 7.30
CA SER A 281 2.87 -4.73 8.10
C SER A 281 2.31 -5.93 7.38
N ASN A 282 1.79 -6.88 8.15
CA ASN A 282 1.01 -7.96 7.60
C ASN A 282 -0.48 -7.78 7.84
N LEU A 283 -0.87 -6.73 8.57
CA LEU A 283 -2.27 -6.51 8.85
C LEU A 283 -3.04 -6.21 7.56
N PRO A 284 -4.33 -6.55 7.51
CA PRO A 284 -5.08 -6.31 6.27
C PRO A 284 -5.41 -4.83 6.03
N PHE A 285 -5.34 -3.97 7.06
CA PHE A 285 -5.80 -2.59 6.96
C PHE A 285 -4.74 -1.62 7.50
N GLN A 286 -4.80 -0.37 7.06
CA GLN A 286 -3.92 0.67 7.57
C GLN A 286 -4.66 1.99 7.63
N ASN A 287 -4.26 2.82 8.60
CA ASN A 287 -4.81 4.15 8.83
C ASN A 287 -3.74 5.23 8.80
N ILE A 288 -2.66 4.99 8.05
CA ILE A 288 -1.52 5.92 8.00
C ILE A 288 -1.65 6.91 6.86
N ASP A 289 -2.00 6.46 5.65
CA ASP A 289 -2.03 7.35 4.49
C ASP A 289 -2.86 6.71 3.39
N SER A 290 -3.92 7.40 2.97
CA SER A 290 -4.77 6.82 1.92
C SER A 290 -4.12 6.86 0.53
N ARG A 291 -3.02 7.56 0.38
CA ARG A 291 -2.36 7.65 -0.90
C ARG A 291 -1.10 6.78 -0.97
N ALA A 292 -0.88 5.96 0.06
CA ALA A 292 0.14 4.91 0.03
C ALA A 292 0.13 4.14 -1.29
N VAL A 293 1.30 3.88 -1.81
CA VAL A 293 1.44 3.22 -3.09
C VAL A 293 2.30 1.97 -2.91
N GLY A 294 2.18 1.05 -3.88
CA GLY A 294 2.85 -0.23 -3.83
C GLY A 294 1.90 -1.37 -3.52
N LYS A 295 2.36 -2.32 -2.70
CA LYS A 295 1.52 -3.41 -2.20
C LYS A 295 1.27 -3.17 -0.72
N CYS A 296 0.03 -2.79 -0.38
CA CYS A 296 -0.38 -2.20 0.89
C CYS A 296 -1.58 -2.89 1.50
N PRO A 297 -1.67 -2.90 2.83
CA PRO A 297 -2.97 -3.08 3.49
C PRO A 297 -3.97 -2.05 2.93
N ARG A 298 -5.26 -2.37 2.98
CA ARG A 298 -6.23 -1.38 2.51
C ARG A 298 -6.32 -0.23 3.51
N TYR A 299 -6.36 0.99 3.00
CA TYR A 299 -6.62 2.15 3.87
C TYR A 299 -8.07 2.15 4.38
N VAL A 300 -8.23 2.32 5.70
CA VAL A 300 -9.53 2.50 6.34
C VAL A 300 -9.50 3.74 7.22
N LYS A 301 -10.72 4.26 7.52
CA LYS A 301 -10.86 5.51 8.30
C LYS A 301 -10.60 5.29 9.78
N GLN A 302 -10.89 4.10 10.29
CA GLN A 302 -10.77 3.84 11.73
C GLN A 302 -9.31 3.63 12.15
N ARG A 303 -9.00 4.08 13.37
CA ARG A 303 -7.65 3.86 13.87
C ARG A 303 -7.46 2.48 14.50
N SER A 304 -8.56 1.75 14.77
CA SER A 304 -8.43 0.48 15.47
C SER A 304 -9.67 -0.38 15.28
N LEU A 305 -9.44 -1.67 15.02
CA LEU A 305 -10.49 -2.68 14.89
C LEU A 305 -9.95 -3.95 15.51
N LEU A 306 -10.25 -4.16 16.79
CA LEU A 306 -9.71 -5.31 17.52
C LEU A 306 -10.46 -6.59 17.15
N LEU A 307 -9.69 -7.60 16.77
CA LEU A 307 -10.19 -8.91 16.40
C LEU A 307 -10.02 -9.84 17.60
N ALA A 308 -11.13 -10.37 18.09
CA ALA A 308 -11.07 -11.33 19.19
C ALA A 308 -10.27 -12.56 18.77
N THR A 309 -9.31 -12.93 19.62
CA THR A 309 -8.59 -14.19 19.49
C THR A 309 -8.75 -15.06 20.74
N GLY A 310 -9.78 -14.80 21.53
CA GLY A 310 -10.11 -15.65 22.66
C GLY A 310 -11.60 -15.60 22.91
N MET A 311 -12.03 -16.41 23.88
CA MET A 311 -13.42 -16.53 24.30
C MET A 311 -13.82 -15.34 25.16
N LYS A 312 -15.11 -15.24 25.41
CA LYS A 312 -15.63 -14.17 26.26
C LYS A 312 -15.03 -14.29 27.65
N ASN A 313 -14.57 -13.17 28.18
CA ASN A 313 -13.97 -13.17 29.50
C ASN A 313 -15.07 -12.88 30.51
N VAL A 314 -15.37 -13.89 31.34
CA VAL A 314 -16.35 -13.71 32.40
C VAL A 314 -15.61 -13.86 33.72
N PRO A 315 -15.36 -12.75 34.41
CA PRO A 315 -14.40 -12.75 35.51
C PRO A 315 -14.95 -13.40 36.77
N GLU A 316 -14.03 -13.97 37.55
CA GLU A 316 -14.31 -14.59 38.84
C GLU A 316 -14.84 -13.55 39.82
N ILE A 317 -16.12 -13.66 40.19
CA ILE A 317 -16.72 -12.69 41.11
C ILE A 317 -16.50 -13.10 42.58
N GLY B 1 -23.26 -15.54 24.54
CA GLY B 1 -23.12 -16.71 23.69
C GLY B 1 -24.39 -17.25 23.05
N LEU B 2 -24.20 -17.99 21.96
CA LEU B 2 -25.29 -18.63 21.24
C LEU B 2 -25.65 -19.99 21.81
N PHE B 3 -24.74 -20.60 22.58
CA PHE B 3 -24.92 -21.97 23.06
C PHE B 3 -25.15 -22.04 24.56
N GLY B 4 -25.25 -20.89 25.23
CA GLY B 4 -25.70 -20.83 26.62
C GLY B 4 -24.71 -21.32 27.65
N ALA B 5 -23.41 -21.30 27.36
CA ALA B 5 -22.39 -21.85 28.26
C ALA B 5 -21.41 -20.80 28.78
N ILE B 6 -20.42 -20.39 27.95
CA ILE B 6 -19.31 -19.55 28.41
C ILE B 6 -19.74 -18.22 29.00
N ALA B 7 -21.03 -17.89 28.95
CA ALA B 7 -21.60 -16.87 29.81
C ALA B 7 -23.05 -17.22 30.10
N GLY B 8 -23.31 -18.52 30.28
CA GLY B 8 -24.67 -19.01 30.43
C GLY B 8 -24.89 -19.75 31.73
N PHE B 9 -25.13 -21.06 31.68
CA PHE B 9 -25.39 -21.78 32.92
C PHE B 9 -24.10 -22.12 33.68
N ILE B 10 -22.93 -21.82 33.12
CA ILE B 10 -21.71 -21.81 33.91
C ILE B 10 -21.55 -20.46 34.60
N GLU B 11 -21.63 -19.39 33.80
CA GLU B 11 -21.37 -17.99 34.15
C GLU B 11 -20.32 -17.75 35.25
N ASN B 12 -19.21 -18.48 35.18
CA ASN B 12 -18.01 -17.99 35.83
C ASN B 12 -16.82 -18.64 35.17
N GLY B 13 -15.83 -17.84 34.82
CA GLY B 13 -14.55 -18.39 34.43
C GLY B 13 -13.66 -18.65 35.63
N TRP B 14 -12.65 -19.49 35.41
CA TRP B 14 -11.65 -19.80 36.43
C TRP B 14 -10.36 -19.11 36.06
N GLU B 15 -10.01 -18.04 36.79
CA GLU B 15 -8.69 -17.46 36.64
C GLU B 15 -7.59 -18.46 37.02
N GLY B 16 -7.90 -19.47 37.83
CA GLY B 16 -6.88 -20.44 38.18
C GLY B 16 -6.45 -21.28 36.99
N LEU B 17 -7.38 -21.59 36.09
CA LEU B 17 -7.08 -22.46 34.97
C LEU B 17 -6.12 -21.77 34.01
N ILE B 18 -4.82 -22.01 34.17
CA ILE B 18 -3.80 -21.26 33.45
C ILE B 18 -3.05 -22.13 32.46
N ASP B 19 -3.49 -23.37 32.24
CA ASP B 19 -2.83 -24.25 31.28
C ASP B 19 -3.78 -24.80 30.22
N GLY B 20 -5.01 -24.30 30.16
CA GLY B 20 -5.91 -24.63 29.07
C GLY B 20 -7.04 -23.63 29.04
N TRP B 21 -7.81 -23.67 27.94
CA TRP B 21 -9.03 -22.88 27.91
C TRP B 21 -10.17 -23.54 28.68
N TYR B 22 -10.22 -24.88 28.70
CA TYR B 22 -11.31 -25.61 29.34
C TYR B 22 -10.76 -26.68 30.28
N GLY B 23 -11.47 -26.91 31.36
CA GLY B 23 -10.93 -27.79 32.38
C GLY B 23 -11.98 -28.46 33.22
N PHE B 24 -11.55 -29.53 33.87
CA PHE B 24 -12.31 -30.23 34.89
C PHE B 24 -11.86 -29.72 36.25
N ARG B 25 -12.81 -29.41 37.12
CA ARG B 25 -12.54 -29.16 38.53
C ARG B 25 -13.46 -30.08 39.33
N HIS B 26 -12.87 -30.94 40.17
CA HIS B 26 -13.61 -31.93 40.93
C HIS B 26 -13.24 -31.86 42.40
N GLN B 27 -14.16 -32.23 43.28
CA GLN B 27 -13.78 -32.60 44.63
C GLN B 27 -14.49 -33.88 45.04
N ASN B 28 -13.68 -34.88 45.42
CA ASN B 28 -14.20 -36.17 45.86
C ASN B 28 -14.11 -36.32 47.38
N ALA B 29 -13.14 -37.11 47.81
CA ALA B 29 -12.78 -37.28 49.21
C ALA B 29 -11.32 -36.94 49.49
N GLN B 30 -10.41 -37.14 48.53
CA GLN B 30 -9.02 -36.72 48.71
C GLN B 30 -8.83 -35.21 48.52
N GLY B 31 -9.88 -34.41 48.66
CA GLY B 31 -9.77 -32.99 48.37
C GLY B 31 -10.19 -32.65 46.96
N GLU B 32 -9.86 -31.41 46.57
CA GLU B 32 -10.26 -30.87 45.27
C GLU B 32 -9.06 -30.81 44.32
N GLY B 33 -9.33 -30.94 43.02
CA GLY B 33 -8.30 -30.85 42.00
C GLY B 33 -8.82 -30.24 40.71
N THR B 34 -7.89 -29.69 39.91
CA THR B 34 -8.21 -28.92 38.71
C THR B 34 -7.25 -29.26 37.58
N ALA B 35 -7.80 -29.61 36.41
CA ALA B 35 -6.97 -29.97 35.26
C ALA B 35 -7.56 -29.35 33.99
N ALA B 36 -6.74 -29.32 32.95
CA ALA B 36 -7.13 -28.81 31.64
C ALA B 36 -7.59 -29.95 30.73
N ASP B 37 -8.28 -29.58 29.64
CA ASP B 37 -8.67 -30.52 28.59
C ASP B 37 -8.00 -30.05 27.30
N TYR B 38 -6.90 -30.71 26.93
CA TYR B 38 -6.14 -30.27 25.77
C TYR B 38 -6.89 -30.47 24.46
N LYS B 39 -7.83 -31.43 24.40
CA LYS B 39 -8.55 -31.71 23.16
C LYS B 39 -9.43 -30.52 22.75
N SER B 40 -10.38 -30.14 23.61
CA SER B 40 -11.22 -28.99 23.32
C SER B 40 -10.39 -27.73 23.19
N THR B 41 -9.47 -27.51 24.13
CA THR B 41 -8.60 -26.34 24.09
C THR B 41 -7.94 -26.21 22.72
N GLN B 42 -7.40 -27.33 22.22
CA GLN B 42 -6.74 -27.32 20.92
C GLN B 42 -7.71 -27.06 19.78
N SER B 43 -8.94 -27.58 19.88
CA SER B 43 -9.94 -27.32 18.84
C SER B 43 -10.26 -25.82 18.74
N ALA B 44 -10.52 -25.15 19.87
CA ALA B 44 -10.78 -23.71 19.81
C ALA B 44 -9.55 -22.95 19.34
N ILE B 45 -8.37 -23.33 19.83
CA ILE B 45 -7.14 -22.66 19.43
C ILE B 45 -6.92 -22.77 17.93
N ASP B 46 -7.19 -23.94 17.37
CA ASP B 46 -6.92 -24.18 15.95
C ASP B 46 -7.93 -23.44 15.07
N GLN B 47 -9.21 -23.44 15.47
CA GLN B 47 -10.20 -22.69 14.70
C GLN B 47 -9.87 -21.21 14.69
N ILE B 48 -9.47 -20.68 15.85
CA ILE B 48 -9.22 -19.24 15.94
C ILE B 48 -7.96 -18.86 15.18
N THR B 49 -6.89 -19.63 15.35
CA THR B 49 -5.73 -19.34 14.50
C THR B 49 -6.03 -19.59 13.00
N GLY B 50 -7.00 -20.43 12.67
CA GLY B 50 -7.41 -20.50 11.29
C GLY B 50 -7.97 -19.17 10.80
N LYS B 51 -8.84 -18.54 11.60
CA LYS B 51 -9.31 -17.20 11.28
C LYS B 51 -8.14 -16.25 11.08
N LEU B 52 -7.22 -16.24 12.03
CA LEU B 52 -6.06 -15.35 11.99
C LEU B 52 -5.25 -15.53 10.71
N ASN B 53 -4.94 -16.78 10.35
CA ASN B 53 -4.18 -17.02 9.12
C ASN B 53 -4.94 -16.49 7.91
N ARG B 54 -6.27 -16.57 7.95
CA ARG B 54 -7.03 -16.06 6.83
C ARG B 54 -6.92 -14.54 6.73
N LEU B 55 -7.07 -13.83 7.84
CA LEU B 55 -7.21 -12.38 7.74
C LEU B 55 -5.88 -11.65 7.70
N ILE B 56 -4.82 -12.21 8.30
CA ILE B 56 -3.51 -11.56 8.22
C ILE B 56 -3.02 -11.83 6.80
N GLU B 57 -3.68 -11.19 5.85
CA GLU B 57 -3.57 -11.53 4.44
C GLU B 57 -2.87 -10.39 3.74
N LYS B 58 -1.96 -10.77 2.84
CA LYS B 58 -1.08 -9.87 2.11
C LYS B 58 -1.59 -9.81 0.66
N THR B 59 -2.16 -8.66 0.28
CA THR B 59 -2.59 -8.53 -1.11
C THR B 59 -1.38 -8.37 -2.02
N ASN B 60 -1.47 -8.92 -3.23
CA ASN B 60 -0.39 -8.85 -4.20
C ASN B 60 -0.61 -7.77 -5.28
N GLN B 61 -1.67 -6.97 -5.16
CA GLN B 61 -1.95 -5.92 -6.15
C GLN B 61 -1.12 -4.69 -5.86
N GLN B 62 -0.32 -4.31 -6.83
CA GLN B 62 0.39 -3.05 -6.75
C GLN B 62 -0.53 -1.95 -7.26
N PHE B 63 -0.58 -0.85 -6.54
CA PHE B 63 -1.17 0.38 -7.04
C PHE B 63 -0.09 1.45 -7.16
N GLU B 64 -0.23 2.26 -8.19
CA GLU B 64 0.69 3.36 -8.45
C GLU B 64 0.03 4.67 -8.12
N LEU B 65 0.86 5.69 -8.03
CA LEU B 65 0.42 7.07 -7.97
C LEU B 65 -0.45 7.44 -9.17
N ILE B 66 -1.56 8.14 -8.92
CA ILE B 66 -2.30 8.81 -10.01
C ILE B 66 -2.49 10.29 -9.78
N ASP B 67 -1.98 10.85 -8.67
CA ASP B 67 -1.90 12.30 -8.51
C ASP B 67 -0.56 12.60 -7.85
N ASN B 68 -0.40 13.81 -7.32
CA ASN B 68 0.92 14.39 -7.12
C ASN B 68 0.88 15.39 -5.99
N GLU B 69 1.61 15.13 -4.91
CA GLU B 69 1.52 15.99 -3.73
C GLU B 69 2.54 17.10 -3.75
N PHE B 70 3.36 17.20 -4.80
CA PHE B 70 4.29 18.31 -4.96
C PHE B 70 3.81 19.30 -6.00
N ASN B 71 3.08 18.82 -7.02
CA ASN B 71 2.57 19.65 -8.11
C ASN B 71 1.16 19.18 -8.41
N GLU B 72 0.16 19.89 -7.85
CA GLU B 72 -1.22 19.44 -7.95
C GLU B 72 -1.64 19.20 -9.40
N VAL B 73 -2.24 18.03 -9.64
CA VAL B 73 -2.78 17.74 -10.96
C VAL B 73 -3.95 18.67 -11.21
N GLU B 74 -4.44 18.68 -12.45
CA GLU B 74 -5.49 19.59 -12.85
C GLU B 74 -6.76 19.30 -12.05
N LYS B 75 -7.55 20.35 -11.83
CA LYS B 75 -8.55 20.33 -10.77
C LYS B 75 -9.67 19.35 -11.05
N GLN B 76 -10.15 19.30 -12.30
CA GLN B 76 -11.26 18.40 -12.57
C GLN B 76 -10.85 16.92 -12.44
N ILE B 77 -9.72 16.53 -13.02
CA ILE B 77 -9.28 15.14 -12.87
C ILE B 77 -8.90 14.86 -11.42
N GLY B 78 -8.36 15.85 -10.70
CA GLY B 78 -8.06 15.69 -9.30
C GLY B 78 -9.30 15.52 -8.44
N ASN B 79 -10.40 16.21 -8.78
CA ASN B 79 -11.64 16.00 -8.02
C ASN B 79 -12.25 14.63 -8.31
N VAL B 80 -12.23 14.16 -9.58
CA VAL B 80 -12.67 12.80 -9.87
C VAL B 80 -11.84 11.78 -9.10
N ILE B 81 -10.51 11.93 -9.11
CA ILE B 81 -9.63 11.02 -8.38
C ILE B 81 -9.96 11.02 -6.88
N ASN B 82 -10.06 12.21 -6.28
CA ASN B 82 -10.34 12.29 -4.85
C ASN B 82 -11.69 11.68 -4.52
N TRP B 83 -12.68 11.90 -5.37
CA TRP B 83 -14.01 11.35 -5.15
C TRP B 83 -14.00 9.83 -5.26
N THR B 84 -13.18 9.30 -6.17
CA THR B 84 -13.06 7.86 -6.31
C THR B 84 -12.34 7.23 -5.09
N ARG B 85 -11.17 7.78 -4.75
CA ARG B 85 -10.42 7.28 -3.58
C ARG B 85 -11.28 7.31 -2.31
N ASP B 86 -12.01 8.40 -2.10
CA ASP B 86 -12.90 8.48 -0.95
C ASP B 86 -14.03 7.44 -1.00
N SER B 87 -14.65 7.21 -2.17
CA SER B 87 -15.65 6.14 -2.28
C SER B 87 -15.09 4.76 -1.93
N ILE B 88 -13.89 4.44 -2.41
CA ILE B 88 -13.27 3.18 -2.06
C ILE B 88 -12.86 3.15 -0.58
N THR B 89 -12.46 4.28 -0.01
CA THR B 89 -12.19 4.28 1.43
C THR B 89 -13.46 3.97 2.22
N GLU B 90 -14.59 4.53 1.79
CA GLU B 90 -15.86 4.21 2.41
C GLU B 90 -16.13 2.71 2.34
N VAL B 91 -15.97 2.12 1.14
CA VAL B 91 -16.23 0.69 0.97
C VAL B 91 -15.31 -0.14 1.89
N TRP B 92 -14.00 0.12 1.87
CA TRP B 92 -13.09 -0.70 2.69
C TRP B 92 -13.29 -0.51 4.18
N SER B 93 -13.65 0.70 4.62
CA SER B 93 -13.92 0.94 6.04
C SER B 93 -15.13 0.15 6.50
N TYR B 94 -16.20 0.19 5.72
CA TYR B 94 -17.35 -0.67 6.00
C TYR B 94 -16.93 -2.15 6.00
N ASN B 95 -16.22 -2.60 4.97
CA ASN B 95 -15.83 -4.01 4.92
C ASN B 95 -15.08 -4.43 6.18
N ALA B 96 -14.10 -3.62 6.61
CA ALA B 96 -13.25 -3.97 7.74
C ALA B 96 -14.03 -4.00 9.07
N GLU B 97 -14.92 -3.02 9.29
CA GLU B 97 -15.74 -3.04 10.50
C GLU B 97 -16.68 -4.24 10.51
N LEU B 98 -17.31 -4.52 9.37
CA LEU B 98 -18.26 -5.63 9.35
C LEU B 98 -17.54 -6.95 9.53
N LEU B 99 -16.41 -7.10 8.83
CA LEU B 99 -15.60 -8.30 8.94
C LEU B 99 -15.23 -8.58 10.38
N VAL B 100 -14.76 -7.55 11.08
CA VAL B 100 -14.32 -7.78 12.46
C VAL B 100 -15.52 -8.04 13.38
N ALA B 101 -16.66 -7.38 13.16
CA ALA B 101 -17.79 -7.61 14.07
C ALA B 101 -18.38 -9.02 13.86
N MET B 102 -18.60 -9.39 12.61
CA MET B 102 -19.02 -10.75 12.30
C MET B 102 -18.08 -11.77 12.92
N GLU B 103 -16.78 -11.63 12.61
CA GLU B 103 -15.81 -12.61 13.08
C GLU B 103 -15.81 -12.71 14.60
N ASN B 104 -15.89 -11.58 15.31
CA ASN B 104 -15.92 -11.62 16.76
C ASN B 104 -17.17 -12.33 17.27
N GLN B 105 -18.32 -12.07 16.65
CA GLN B 105 -19.53 -12.77 17.07
C GLN B 105 -19.35 -14.27 16.94
N HIS B 106 -18.75 -14.71 15.84
CA HIS B 106 -18.60 -16.14 15.59
C HIS B 106 -17.48 -16.75 16.44
N THR B 107 -16.44 -15.98 16.77
CA THR B 107 -15.39 -16.50 17.63
C THR B 107 -15.94 -16.79 19.02
N ILE B 108 -16.61 -15.80 19.59
CA ILE B 108 -17.25 -16.01 20.89
C ILE B 108 -18.19 -17.20 20.84
N ASP B 109 -18.95 -17.33 19.75
CA ASP B 109 -19.90 -18.43 19.69
C ASP B 109 -19.22 -19.78 19.56
N LEU B 110 -18.11 -19.88 18.82
CA LEU B 110 -17.48 -21.21 18.69
C LEU B 110 -16.72 -21.60 19.95
N ALA B 111 -16.24 -20.61 20.71
CA ALA B 111 -15.71 -20.90 22.04
C ALA B 111 -16.79 -21.45 22.96
N ASP B 112 -17.90 -20.72 23.09
CA ASP B 112 -19.11 -21.19 23.77
C ASP B 112 -19.49 -22.63 23.37
N SER B 113 -19.53 -22.87 22.06
CA SER B 113 -19.89 -24.18 21.52
C SER B 113 -18.91 -25.26 21.99
N GLU B 114 -17.60 -24.98 21.93
CA GLU B 114 -16.65 -26.00 22.36
C GLU B 114 -16.90 -26.37 23.82
N MET B 115 -17.22 -25.37 24.66
CA MET B 115 -17.63 -25.69 26.03
C MET B 115 -18.83 -26.64 26.06
N ASP B 116 -19.91 -26.28 25.35
CA ASP B 116 -21.11 -27.11 25.38
C ASP B 116 -20.81 -28.55 24.92
N LYS B 117 -19.99 -28.70 23.87
CA LYS B 117 -19.61 -30.02 23.38
C LYS B 117 -18.90 -30.83 24.46
N LEU B 118 -17.88 -30.24 25.10
CA LEU B 118 -17.14 -30.95 26.16
C LEU B 118 -18.08 -31.42 27.28
N TYR B 119 -18.86 -30.49 27.83
CA TYR B 119 -19.86 -30.83 28.85
C TYR B 119 -20.74 -31.99 28.41
N GLU B 120 -21.29 -31.92 27.19
CA GLU B 120 -22.16 -32.99 26.72
C GLU B 120 -21.42 -34.32 26.62
N ARG B 121 -20.14 -34.28 26.22
CA ARG B 121 -19.36 -35.50 26.12
C ARG B 121 -19.24 -36.17 27.48
N VAL B 122 -19.00 -35.39 28.53
CA VAL B 122 -18.91 -35.99 29.85
C VAL B 122 -20.28 -36.49 30.32
N LYS B 123 -21.34 -35.71 30.10
CA LYS B 123 -22.67 -36.19 30.45
C LYS B 123 -22.96 -37.56 29.83
N ARG B 124 -22.73 -37.68 28.51
CA ARG B 124 -22.95 -38.97 27.85
C ARG B 124 -22.00 -40.04 28.36
N GLN B 125 -20.80 -39.64 28.79
CA GLN B 125 -19.81 -40.57 29.33
C GLN B 125 -20.25 -41.17 30.66
N LEU B 126 -20.95 -40.39 31.48
CA LEU B 126 -21.34 -40.82 32.81
C LEU B 126 -22.67 -41.56 32.86
N ARG B 127 -23.42 -41.58 31.77
CA ARG B 127 -24.59 -42.47 31.62
C ARG B 127 -25.55 -42.24 32.78
N GLU B 128 -25.98 -43.29 33.49
CA GLU B 128 -27.04 -43.21 34.49
C GLU B 128 -26.52 -42.98 35.89
N ASN B 129 -25.20 -42.87 36.05
CA ASN B 129 -24.53 -42.82 37.34
C ASN B 129 -24.31 -41.41 37.85
N ALA B 130 -24.96 -40.40 37.27
CA ALA B 130 -24.73 -39.01 37.66
C ALA B 130 -25.95 -38.17 37.32
N GLU B 131 -26.02 -37.00 37.96
CA GLU B 131 -27.08 -36.03 37.70
C GLU B 131 -26.47 -34.66 37.35
N GLU B 132 -27.26 -33.86 36.65
CA GLU B 132 -26.88 -32.51 36.27
C GLU B 132 -27.31 -31.55 37.37
N ASP B 133 -26.34 -30.92 38.03
CA ASP B 133 -26.69 -29.97 39.08
C ASP B 133 -27.18 -28.63 38.53
N GLY B 134 -26.88 -28.28 37.28
CA GLY B 134 -27.39 -27.07 36.65
C GLY B 134 -26.42 -25.90 36.59
N THR B 135 -25.18 -26.07 37.07
CA THR B 135 -24.20 -25.00 37.05
C THR B 135 -22.90 -25.45 36.40
N GLY B 136 -22.89 -26.61 35.75
CA GLY B 136 -21.74 -27.11 35.06
C GLY B 136 -21.13 -28.33 35.70
N CYS B 137 -21.69 -28.80 36.82
CA CYS B 137 -21.14 -29.88 37.61
C CYS B 137 -22.03 -31.11 37.51
N PHE B 138 -21.40 -32.27 37.47
CA PHE B 138 -22.10 -33.54 37.54
C PHE B 138 -22.01 -34.06 38.98
N GLU B 139 -23.14 -34.08 39.68
CA GLU B 139 -23.21 -34.77 40.96
C GLU B 139 -23.14 -36.25 40.71
N ILE B 140 -22.09 -36.88 41.22
CA ILE B 140 -21.81 -38.28 40.96
C ILE B 140 -22.20 -39.06 42.21
N PHE B 141 -23.22 -39.91 42.07
CA PHE B 141 -23.82 -40.59 43.22
C PHE B 141 -23.21 -41.99 43.41
N HIS B 142 -21.89 -41.96 43.58
CA HIS B 142 -21.09 -43.11 43.97
C HIS B 142 -19.68 -42.59 44.24
N LYS B 143 -18.90 -43.39 44.95
CA LYS B 143 -17.54 -43.00 45.27
C LYS B 143 -16.73 -42.87 43.99
N CYS B 144 -15.96 -41.78 43.90
CA CYS B 144 -15.14 -41.53 42.71
C CYS B 144 -13.81 -40.93 43.19
N ASP B 145 -12.90 -41.81 43.59
CA ASP B 145 -11.60 -41.37 44.06
C ASP B 145 -10.86 -40.72 42.91
N ASP B 146 -9.64 -40.23 43.20
CA ASP B 146 -8.89 -39.49 42.20
C ASP B 146 -8.75 -40.26 40.89
N ASP B 147 -8.44 -41.57 40.98
CA ASP B 147 -8.32 -42.39 39.78
C ASP B 147 -9.59 -42.33 38.93
N CYS B 148 -10.75 -42.44 39.58
CA CYS B 148 -12.02 -42.41 38.87
C CYS B 148 -12.24 -41.06 38.17
N MET B 149 -11.88 -39.97 38.84
CA MET B 149 -11.95 -38.66 38.21
C MET B 149 -11.03 -38.59 36.99
N ALA B 150 -9.81 -39.11 37.11
CA ALA B 150 -8.90 -39.13 35.97
C ALA B 150 -9.44 -39.99 34.83
N SER B 151 -10.21 -41.04 35.15
CA SER B 151 -10.86 -41.83 34.12
C SER B 151 -11.94 -41.03 33.42
N ILE B 152 -12.61 -40.14 34.14
CA ILE B 152 -13.53 -39.22 33.50
C ILE B 152 -12.77 -38.27 32.57
N ARG B 153 -11.74 -37.61 33.11
CA ARG B 153 -10.93 -36.68 32.34
C ARG B 153 -10.40 -37.32 31.06
N ASN B 154 -9.63 -38.41 31.19
CA ASN B 154 -8.95 -38.98 30.03
C ASN B 154 -9.82 -39.93 29.23
N ASN B 155 -11.15 -39.91 29.47
CA ASN B 155 -12.13 -40.53 28.58
C ASN B 155 -12.06 -42.06 28.61
N THR B 156 -12.02 -42.60 29.83
CA THR B 156 -12.00 -44.04 30.03
C THR B 156 -12.95 -44.51 31.12
N TYR B 157 -13.72 -43.60 31.72
CA TYR B 157 -14.72 -43.97 32.71
C TYR B 157 -15.70 -44.99 32.13
N ASP B 158 -15.85 -46.11 32.84
CA ASP B 158 -16.76 -47.19 32.47
C ASP B 158 -17.99 -47.11 33.36
N HIS B 159 -19.11 -46.65 32.79
CA HIS B 159 -20.34 -46.50 33.57
C HIS B 159 -20.83 -47.84 34.11
N SER B 160 -20.58 -48.95 33.41
CA SER B 160 -21.04 -50.25 33.90
C SER B 160 -20.43 -50.59 35.26
N LYS B 161 -19.21 -50.10 35.52
CA LYS B 161 -18.51 -50.42 36.76
C LYS B 161 -19.34 -50.03 37.98
N TYR B 162 -19.85 -48.81 38.01
CA TYR B 162 -20.56 -48.30 39.19
C TYR B 162 -22.07 -48.22 38.97
N ARG B 163 -22.58 -48.80 37.89
CA ARG B 163 -23.97 -48.56 37.49
C ARG B 163 -24.96 -49.01 38.57
N GLU B 164 -24.79 -50.23 39.08
CA GLU B 164 -25.66 -50.72 40.14
C GLU B 164 -25.54 -49.86 41.40
N GLU B 165 -24.32 -49.72 41.92
CA GLU B 165 -24.08 -48.89 43.10
C GLU B 165 -24.67 -47.50 42.94
N ALA B 166 -24.37 -46.82 41.83
CA ALA B 166 -24.79 -45.44 41.67
C ALA B 166 -26.29 -45.31 41.53
N MET B 167 -26.91 -46.17 40.71
CA MET B 167 -28.36 -46.10 40.56
C MET B 167 -29.06 -46.32 41.90
N GLN B 168 -28.59 -47.31 42.66
CA GLN B 168 -29.14 -47.54 43.99
C GLN B 168 -28.93 -46.34 44.91
N ASN B 169 -27.79 -45.67 44.80
CA ASN B 169 -27.54 -44.49 45.63
C ASN B 169 -28.37 -43.29 45.17
N ARG B 170 -28.92 -43.33 43.95
CA ARG B 170 -29.73 -42.22 43.46
C ARG B 170 -31.20 -42.37 43.81
N ILE B 171 -31.74 -43.58 43.70
CA ILE B 171 -33.18 -43.78 43.86
C ILE B 171 -33.57 -43.80 45.35
N GLN B 172 -33.04 -44.74 46.12
CA GLN B 172 -33.35 -44.83 47.55
C GLN B 172 -32.08 -45.08 48.36
#